data_8YXK
#
_entry.id   8YXK
#
_cell.length_a   48.430
_cell.length_b   80.470
_cell.length_c   48.770
_cell.angle_alpha   90.000
_cell.angle_beta   104.117
_cell.angle_gamma   90.000
#
_symmetry.space_group_name_H-M   'P 1 21 1'
#
loop_
_entity.id
_entity.type
_entity.pdbx_description
1 polymer 'Phage cell wall hydrolase'
2 water water
#
_entity_poly.entity_id   1
_entity_poly.type   'polypeptide(L)'
_entity_poly.pdbx_seq_one_letter_code
;MNHKVHHHHHHMTTSKEDNDMINKLNKVFKNKLSNTGNIFVKYSNAYKVNAALMAAISIHETGNGSSSLCKNKNNFFGMK
GMSFGSVDEGIKRGISNLSRNYIHTGRKTLESIRDKYAPLYDSPLNKDWVPGVGKFYKQITGNAYSSNSAGTGVGSNEEA
EKNLKDTTYQVQNNNSNTLTNNNSKVSKVIQEAKNQLGKPY
;
_entity_poly.pdbx_strand_id   A,B
#
# COMPACT_ATOMS: atom_id res chain seq x y z
N SER A 15 -11.69 -15.63 -5.74
CA SER A 15 -10.43 -14.97 -6.18
C SER A 15 -10.73 -13.86 -7.19
N LYS A 16 -11.58 -14.12 -8.19
CA LYS A 16 -12.15 -13.03 -9.04
C LYS A 16 -13.03 -12.13 -8.16
N GLU A 17 -13.80 -12.73 -7.24
CA GLU A 17 -14.58 -12.02 -6.20
C GLU A 17 -13.62 -11.21 -5.32
N ASP A 18 -12.53 -11.83 -4.86
CA ASP A 18 -11.50 -11.19 -4.00
C ASP A 18 -10.86 -10.00 -4.75
N ASN A 19 -10.45 -10.22 -6.01
CA ASN A 19 -9.72 -9.22 -6.83
C ASN A 19 -10.61 -7.98 -7.04
N ASP A 20 -11.90 -8.19 -7.29
CA ASP A 20 -12.89 -7.09 -7.45
C ASP A 20 -13.04 -6.34 -6.13
N MET A 21 -13.14 -7.05 -4.99
CA MET A 21 -13.29 -6.39 -3.67
C MET A 21 -11.99 -5.66 -3.33
N ILE A 22 -10.84 -6.24 -3.67
CA ILE A 22 -9.52 -5.58 -3.46
C ILE A 22 -9.50 -4.25 -4.24
N ASN A 23 -9.94 -4.26 -5.50
CA ASN A 23 -9.96 -3.05 -6.37
C ASN A 23 -10.89 -1.99 -5.79
N LYS A 24 -12.07 -2.38 -5.32
CA LYS A 24 -13.09 -1.45 -4.75
C LYS A 24 -12.53 -0.80 -3.48
N LEU A 25 -11.83 -1.56 -2.63
CA LEU A 25 -11.20 -1.03 -1.40
C LEU A 25 -10.14 0.01 -1.78
N ASN A 26 -9.22 -0.38 -2.67
CA ASN A 26 -8.03 0.44 -3.05
C ASN A 26 -8.48 1.71 -3.81
N LYS A 27 -9.67 1.69 -4.41
CA LYS A 27 -10.23 2.89 -5.08
C LYS A 27 -10.53 3.99 -4.06
N VAL A 28 -10.93 3.62 -2.84
CA VAL A 28 -11.39 4.59 -1.81
C VAL A 28 -10.25 4.91 -0.83
N PHE A 29 -9.44 3.91 -0.45
CA PHE A 29 -8.27 4.08 0.46
C PHE A 29 -7.34 5.19 -0.05
N LYS A 30 -6.98 6.14 0.82
CA LYS A 30 -5.96 7.19 0.60
C LYS A 30 -4.87 7.11 1.67
N ASN A 31 -3.83 7.95 1.55
CA ASN A 31 -2.81 8.18 2.62
C ASN A 31 -2.29 6.82 3.09
N LYS A 32 -2.20 6.55 4.39
CA LYS A 32 -1.42 5.37 4.88
C LYS A 32 -2.24 4.09 4.65
N LEU A 33 -3.49 4.21 4.22
CA LEU A 33 -4.36 3.06 3.86
C LEU A 33 -4.14 2.64 2.40
N SER A 34 -3.48 3.47 1.58
CA SER A 34 -3.33 3.25 0.10
C SER A 34 -2.73 1.85 -0.14
N ASN A 35 -3.33 1.08 -1.05
CA ASN A 35 -2.77 -0.18 -1.61
C ASN A 35 -2.84 -1.33 -0.57
N THR A 36 -3.67 -1.19 0.47
CA THR A 36 -3.79 -2.21 1.56
C THR A 36 -5.04 -3.08 1.36
N GLY A 37 -5.74 -2.92 0.23
CA GLY A 37 -7.00 -3.64 -0.06
C GLY A 37 -6.82 -5.14 0.08
N ASN A 38 -5.64 -5.65 -0.29
CA ASN A 38 -5.37 -7.11 -0.32
C ASN A 38 -5.22 -7.61 1.12
N ILE A 39 -4.77 -6.75 2.03
CA ILE A 39 -4.58 -7.10 3.47
C ILE A 39 -5.97 -7.22 4.12
N PHE A 40 -6.83 -6.22 3.90
CA PHE A 40 -8.25 -6.22 4.34
C PHE A 40 -8.95 -7.51 3.85
N VAL A 41 -8.81 -7.86 2.57
CA VAL A 41 -9.56 -9.02 1.98
C VAL A 41 -9.00 -10.33 2.55
N LYS A 42 -7.68 -10.44 2.67
CA LYS A 42 -7.02 -11.66 3.20
C LYS A 42 -7.58 -11.98 4.59
N TYR A 43 -7.57 -11.01 5.52
CA TYR A 43 -7.88 -11.25 6.95
C TYR A 43 -9.40 -11.25 7.15
N SER A 44 -10.16 -10.47 6.38
CA SER A 44 -11.65 -10.51 6.40
C SER A 44 -12.14 -11.90 6.00
N ASN A 45 -11.52 -12.52 5.00
CA ASN A 45 -11.87 -13.91 4.58
C ASN A 45 -11.56 -14.90 5.73
N ALA A 46 -10.33 -14.91 6.22
CA ALA A 46 -9.90 -15.85 7.29
C ALA A 46 -10.79 -15.68 8.53
N TYR A 47 -11.19 -14.45 8.87
CA TYR A 47 -11.94 -14.16 10.13
C TYR A 47 -13.45 -14.13 9.87
N LYS A 48 -13.86 -14.46 8.64
CA LYS A 48 -15.27 -14.64 8.22
C LYS A 48 -16.06 -13.37 8.57
N VAL A 49 -15.60 -12.20 8.12
CA VAL A 49 -16.33 -10.91 8.26
C VAL A 49 -16.29 -10.14 6.93
N ASN A 50 -17.10 -9.09 6.87
CA ASN A 50 -17.32 -8.24 5.67
C ASN A 50 -16.12 -7.31 5.47
N ALA A 51 -15.34 -7.52 4.40
CA ALA A 51 -14.10 -6.77 4.11
C ALA A 51 -14.43 -5.27 3.96
N ALA A 52 -15.50 -4.95 3.24
CA ALA A 52 -15.94 -3.56 3.01
C ALA A 52 -16.34 -2.91 4.33
N LEU A 53 -16.89 -3.68 5.29
CA LEU A 53 -17.25 -3.13 6.62
C LEU A 53 -15.96 -2.84 7.41
N MET A 54 -15.02 -3.78 7.39
CA MET A 54 -13.70 -3.60 8.04
C MET A 54 -13.03 -2.35 7.46
N ALA A 55 -13.10 -2.18 6.14
CA ALA A 55 -12.45 -1.08 5.41
C ALA A 55 -13.12 0.25 5.80
N ALA A 56 -14.46 0.25 5.90
CA ALA A 56 -15.29 1.42 6.25
C ALA A 56 -14.99 1.87 7.68
N ILE A 57 -14.80 0.93 8.62
CA ILE A 57 -14.51 1.28 10.04
C ILE A 57 -13.10 1.88 10.12
N SER A 58 -12.13 1.28 9.44
CA SER A 58 -10.72 1.78 9.38
C SER A 58 -10.68 3.21 8.83
N ILE A 59 -11.38 3.47 7.72
CA ILE A 59 -11.39 4.82 7.08
C ILE A 59 -11.93 5.83 8.07
N HIS A 60 -13.06 5.54 8.72
CA HIS A 60 -13.72 6.45 9.70
C HIS A 60 -12.75 6.73 10.85
N GLU A 61 -12.15 5.69 11.42
CA GLU A 61 -11.33 5.81 12.65
C GLU A 61 -10.02 6.54 12.34
N THR A 62 -9.56 6.56 11.08
CA THR A 62 -8.20 7.06 10.71
C THR A 62 -8.30 8.32 9.83
N GLY A 63 -9.49 8.82 9.53
CA GLY A 63 -9.69 9.90 8.53
C GLY A 63 -9.07 9.51 7.20
N ASN A 64 -9.32 8.27 6.79
CA ASN A 64 -8.76 7.64 5.55
C ASN A 64 -7.23 7.67 5.59
N GLY A 65 -6.65 7.02 6.60
CA GLY A 65 -5.20 6.78 6.73
C GLY A 65 -4.40 8.05 6.98
N SER A 66 -5.03 9.09 7.55
CA SER A 66 -4.38 10.42 7.75
C SER A 66 -4.02 10.67 9.22
N SER A 67 -4.66 9.97 10.18
CA SER A 67 -4.44 10.20 11.64
C SER A 67 -2.96 9.94 11.99
N SER A 68 -2.47 10.63 13.02
CA SER A 68 -1.13 10.41 13.62
C SER A 68 -1.07 9.01 14.23
N LEU A 69 -2.17 8.55 14.82
CA LEU A 69 -2.28 7.23 15.49
C LEU A 69 -2.05 6.14 14.44
N CYS A 70 -2.57 6.37 13.24
CA CYS A 70 -2.43 5.47 12.06
C CYS A 70 -1.00 5.55 11.51
N LYS A 71 -0.45 6.76 11.40
CA LYS A 71 0.87 7.05 10.79
C LYS A 71 2.02 6.57 11.71
N ASN A 72 1.91 6.82 13.01
CA ASN A 72 3.02 6.67 14.00
C ASN A 72 3.00 5.28 14.65
N LYS A 73 1.82 4.65 14.77
CA LYS A 73 1.61 3.47 15.66
C LYS A 73 0.95 2.31 14.90
N ASN A 74 0.82 2.45 13.57
CA ASN A 74 0.27 1.42 12.66
C ASN A 74 -1.09 0.96 13.19
N ASN A 75 -1.82 1.88 13.85
CA ASN A 75 -3.15 1.64 14.47
C ASN A 75 -4.24 2.17 13.53
N PHE A 76 -4.97 1.25 12.90
CA PHE A 76 -5.85 1.49 11.74
C PHE A 76 -7.31 1.44 12.17
N PHE A 77 -7.58 1.23 13.47
CA PHE A 77 -8.94 0.93 13.97
C PHE A 77 -9.27 1.70 15.27
N GLY A 78 -8.47 2.72 15.60
CA GLY A 78 -8.72 3.64 16.73
C GLY A 78 -8.71 2.91 18.07
N MET A 79 -7.93 1.84 18.17
CA MET A 79 -7.87 0.92 19.35
C MET A 79 -7.03 1.58 20.45
N LYS A 80 -7.71 2.29 21.37
CA LYS A 80 -7.14 3.34 22.25
C LYS A 80 -5.86 2.81 22.91
N GLY A 81 -4.77 3.58 22.80
CA GLY A 81 -3.50 3.36 23.52
C GLY A 81 -2.78 2.10 23.06
N MET A 82 -3.06 1.62 21.85
CA MET A 82 -2.28 0.47 21.29
C MET A 82 -1.41 0.94 20.12
N SER A 83 -0.34 0.19 19.89
CA SER A 83 0.57 0.34 18.74
C SER A 83 0.88 -1.07 18.21
N PHE A 84 1.33 -1.19 16.96
CA PHE A 84 1.61 -2.46 16.25
C PHE A 84 2.88 -2.31 15.42
N GLY A 85 3.61 -3.42 15.24
CA GLY A 85 4.97 -3.46 14.65
C GLY A 85 4.96 -3.26 13.14
N SER A 86 3.81 -3.43 12.48
CA SER A 86 3.69 -3.30 11.01
C SER A 86 2.27 -2.89 10.63
N VAL A 87 2.08 -2.49 9.37
CA VAL A 87 0.75 -2.13 8.82
C VAL A 87 -0.09 -3.41 8.73
N ASP A 88 0.51 -4.51 8.27
CA ASP A 88 -0.19 -5.82 8.15
C ASP A 88 -0.80 -6.18 9.51
N GLU A 89 0.03 -6.21 10.55
CA GLU A 89 -0.36 -6.73 11.88
C GLU A 89 -1.40 -5.78 12.52
N GLY A 90 -1.27 -4.48 12.29
CA GLY A 90 -2.23 -3.47 12.81
C GLY A 90 -3.61 -3.62 12.20
N ILE A 91 -3.69 -3.73 10.88
CA ILE A 91 -4.96 -4.04 10.15
C ILE A 91 -5.48 -5.40 10.63
N LYS A 92 -4.59 -6.39 10.76
CA LYS A 92 -4.98 -7.78 11.16
C LYS A 92 -5.58 -7.75 12.57
N ARG A 93 -4.92 -7.09 13.53
CA ARG A 93 -5.37 -7.01 14.94
C ARG A 93 -6.76 -6.36 15.01
N GLY A 94 -7.02 -5.38 14.16
CA GLY A 94 -8.29 -4.62 14.17
C GLY A 94 -9.44 -5.46 13.64
N ILE A 95 -9.16 -6.26 12.62
CA ILE A 95 -10.15 -7.20 12.02
C ILE A 95 -10.41 -8.37 12.98
N SER A 96 -9.36 -8.91 13.60
CA SER A 96 -9.45 -9.98 14.63
C SER A 96 -10.38 -9.54 15.76
N ASN A 97 -10.21 -8.31 16.27
CA ASN A 97 -10.96 -7.76 17.43
C ASN A 97 -12.44 -7.63 17.06
N LEU A 98 -12.69 -7.13 15.86
CA LEU A 98 -14.05 -6.91 15.32
C LEU A 98 -14.74 -8.25 15.05
N SER A 99 -14.00 -9.26 14.59
CA SER A 99 -14.52 -10.63 14.34
C SER A 99 -14.88 -11.32 15.65
N ARG A 100 -13.91 -11.43 16.57
CA ARG A 100 -13.98 -12.29 17.78
C ARG A 100 -14.90 -11.64 18.81
N ASN A 101 -14.81 -10.32 19.00
CA ASN A 101 -15.34 -9.62 20.19
C ASN A 101 -16.60 -8.85 19.82
N TYR A 102 -16.99 -8.90 18.55
CA TYR A 102 -18.19 -8.19 18.05
C TYR A 102 -19.06 -9.15 17.23
N ILE A 103 -18.70 -9.30 15.96
CA ILE A 103 -19.56 -9.94 14.92
C ILE A 103 -19.82 -11.40 15.31
N HIS A 104 -18.81 -12.10 15.82
CA HIS A 104 -18.97 -13.52 16.25
C HIS A 104 -19.87 -13.58 17.50
N THR A 105 -19.86 -12.55 18.35
CA THR A 105 -20.68 -12.55 19.59
C THR A 105 -22.12 -12.15 19.24
N GLY A 106 -22.34 -11.61 18.04
CA GLY A 106 -23.70 -11.36 17.50
C GLY A 106 -23.95 -9.87 17.26
N ARG A 107 -22.91 -9.06 17.25
CA ARG A 107 -23.05 -7.61 16.93
C ARG A 107 -22.91 -7.46 15.42
N LYS A 108 -24.04 -7.39 14.71
CA LYS A 108 -24.13 -7.48 13.23
C LYS A 108 -24.54 -6.11 12.66
N THR A 109 -25.41 -5.41 13.37
CA THR A 109 -25.88 -4.05 12.98
C THR A 109 -24.80 -3.02 13.30
N LEU A 110 -24.76 -1.93 12.55
CA LEU A 110 -23.88 -0.77 12.86
C LEU A 110 -24.21 -0.27 14.27
N GLU A 111 -25.48 -0.29 14.66
CA GLU A 111 -25.94 0.22 15.98
C GLU A 111 -25.36 -0.64 17.10
N SER A 112 -25.43 -1.97 16.99
CA SER A 112 -24.98 -2.89 18.07
C SER A 112 -23.44 -2.92 18.10
N ILE A 113 -22.78 -2.71 16.97
CA ILE A 113 -21.30 -2.62 16.93
C ILE A 113 -20.88 -1.32 17.65
N ARG A 114 -21.52 -0.21 17.30
CA ARG A 114 -21.23 1.14 17.86
C ARG A 114 -21.40 1.11 19.40
N ASP A 115 -22.49 0.53 19.88
CA ASP A 115 -22.86 0.49 21.32
C ASP A 115 -21.66 0.02 22.15
N LYS A 116 -20.85 -0.91 21.61
CA LYS A 116 -19.64 -1.43 22.28
C LYS A 116 -18.40 -0.68 21.81
N TYR A 117 -18.32 -0.42 20.50
CA TYR A 117 -17.08 0.07 19.84
C TYR A 117 -16.86 1.55 20.18
N ALA A 118 -17.93 2.34 20.25
CA ALA A 118 -17.90 3.82 20.35
C ALA A 118 -19.17 4.33 21.03
N PRO A 119 -19.35 4.04 22.34
CA PRO A 119 -20.62 4.23 23.02
C PRO A 119 -20.98 5.73 23.09
N LEU A 120 -22.25 6.05 22.90
CA LEU A 120 -22.72 7.36 22.38
C LEU A 120 -22.16 8.54 23.20
N TYR A 121 -22.18 8.48 24.54
CA TYR A 121 -21.90 9.66 25.40
C TYR A 121 -20.49 9.60 26.01
N ASP A 122 -19.69 8.61 25.60
CA ASP A 122 -18.28 8.45 26.06
C ASP A 122 -17.42 9.56 25.45
N SER A 123 -17.80 10.03 24.25
CA SER A 123 -17.02 10.97 23.41
C SER A 123 -17.91 11.53 22.31
N PRO A 124 -17.89 12.86 22.07
CA PRO A 124 -18.80 13.51 21.13
C PRO A 124 -18.69 13.00 19.68
N LEU A 125 -17.50 12.55 19.27
CA LEU A 125 -17.24 11.99 17.91
C LEU A 125 -18.06 10.70 17.73
N ASN A 126 -18.53 10.11 18.83
CA ASN A 126 -19.13 8.74 18.83
C ASN A 126 -20.50 8.79 18.17
N LYS A 127 -21.14 9.97 18.10
CA LYS A 127 -22.46 10.12 17.41
C LYS A 127 -22.25 10.12 15.89
N ASP A 128 -20.99 10.27 15.42
CA ASP A 128 -20.64 10.31 13.98
C ASP A 128 -20.31 8.90 13.44
N TRP A 129 -20.32 7.87 14.30
CA TRP A 129 -19.77 6.52 13.97
C TRP A 129 -20.70 5.80 12.99
N VAL A 130 -22.00 5.71 13.30
CA VAL A 130 -22.95 4.92 12.48
C VAL A 130 -23.10 5.59 11.12
N PRO A 131 -23.30 6.93 11.04
CA PRO A 131 -23.34 7.64 9.77
C PRO A 131 -22.01 7.58 8.99
N GLY A 132 -20.90 7.85 9.67
CA GLY A 132 -19.55 7.81 9.05
C GLY A 132 -19.29 6.46 8.40
N VAL A 133 -19.41 5.38 9.17
CA VAL A 133 -19.09 4.00 8.69
C VAL A 133 -20.06 3.65 7.56
N GLY A 134 -21.34 3.98 7.74
CA GLY A 134 -22.41 3.78 6.74
C GLY A 134 -22.04 4.46 5.43
N LYS A 135 -21.64 5.73 5.48
CA LYS A 135 -21.29 6.53 4.28
C LYS A 135 -20.15 5.82 3.52
N PHE A 136 -19.10 5.38 4.22
CA PHE A 136 -17.89 4.80 3.56
C PHE A 136 -18.25 3.43 2.99
N TYR A 137 -19.09 2.66 3.67
CA TYR A 137 -19.49 1.31 3.21
C TYR A 137 -20.24 1.46 1.89
N LYS A 138 -21.11 2.46 1.80
CA LYS A 138 -21.89 2.71 0.56
C LYS A 138 -20.97 3.28 -0.52
N GLN A 139 -19.97 4.07 -0.12
CA GLN A 139 -18.98 4.67 -1.06
C GLN A 139 -18.11 3.56 -1.66
N ILE A 140 -17.77 2.53 -0.88
CA ILE A 140 -16.99 1.35 -1.37
C ILE A 140 -17.84 0.48 -2.30
N THR A 141 -19.03 0.02 -1.87
CA THR A 141 -19.76 -1.12 -2.50
C THR A 141 -20.80 -0.63 -3.51
N GLY A 142 -21.23 0.62 -3.42
CA GLY A 142 -22.42 1.14 -4.11
C GLY A 142 -23.71 0.87 -3.35
N ASN A 143 -23.65 0.09 -2.25
CA ASN A 143 -24.85 -0.43 -1.52
C ASN A 143 -24.87 0.10 -0.08
N ALA A 144 -26.06 0.43 0.43
CA ALA A 144 -26.34 0.62 1.89
C ALA A 144 -25.97 -0.67 2.62
N TYR A 145 -25.28 -0.55 3.76
CA TYR A 145 -24.89 -1.71 4.61
C TYR A 145 -26.16 -2.46 5.06
N SER A 146 -26.19 -3.77 4.86
CA SER A 146 -27.18 -4.73 5.44
C SER A 146 -26.47 -5.60 6.48
N SER A 147 -27.06 -5.75 7.67
CA SER A 147 -26.46 -6.51 8.81
C SER A 147 -26.38 -7.99 8.44
N ASN A 148 -27.17 -8.42 7.45
CA ASN A 148 -27.11 -9.82 6.93
C ASN A 148 -25.73 -10.09 6.35
N SER A 149 -24.96 -9.03 6.06
CA SER A 149 -23.66 -9.09 5.35
C SER A 149 -22.50 -9.21 6.34
N ALA A 150 -22.75 -9.01 7.63
CA ALA A 150 -21.70 -8.78 8.65
C ALA A 150 -20.64 -9.89 8.56
N GLY A 151 -21.08 -11.12 8.25
CA GLY A 151 -20.28 -12.34 8.39
C GLY A 151 -20.64 -13.08 9.65
N THR A 152 -20.22 -14.34 9.76
CA THR A 152 -20.42 -15.19 10.96
C THR A 152 -19.38 -14.80 12.03
N GLY A 153 -18.23 -14.28 11.59
CA GLY A 153 -17.05 -14.08 12.45
C GLY A 153 -16.46 -15.41 12.89
N VAL A 154 -15.40 -15.38 13.70
CA VAL A 154 -14.74 -16.59 14.25
C VAL A 154 -14.52 -16.36 15.75
N GLY A 155 -14.32 -17.42 16.52
CA GLY A 155 -14.23 -17.36 18.00
C GLY A 155 -12.81 -17.12 18.47
N SER A 156 -11.82 -17.33 17.61
CA SER A 156 -10.38 -17.39 17.99
C SER A 156 -9.50 -17.13 16.75
N ASN A 157 -8.26 -16.70 17.00
CA ASN A 157 -7.20 -16.60 15.97
C ASN A 157 -6.88 -17.99 15.43
N GLU A 158 -7.01 -19.04 16.26
CA GLU A 158 -6.69 -20.45 15.85
C GLU A 158 -7.66 -20.92 14.75
N GLU A 159 -8.94 -20.62 14.90
CA GLU A 159 -10.01 -20.93 13.91
C GLU A 159 -9.76 -20.13 12.62
N ALA A 160 -9.35 -18.87 12.72
CA ALA A 160 -9.01 -18.01 11.56
C ALA A 160 -7.84 -18.63 10.80
N GLU A 161 -6.81 -19.05 11.53
CA GLU A 161 -5.59 -19.67 10.94
C GLU A 161 -5.97 -20.94 10.18
N LYS A 162 -6.93 -21.73 10.69
CA LYS A 162 -7.37 -23.00 10.06
C LYS A 162 -8.05 -22.68 8.71
N ASN A 163 -8.76 -21.55 8.64
CA ASN A 163 -9.48 -21.08 7.43
C ASN A 163 -8.46 -20.68 6.36
N LEU A 164 -7.32 -20.11 6.74
CA LEU A 164 -6.26 -19.70 5.79
C LEU A 164 -5.61 -20.96 5.17
N LYS A 165 -5.79 -22.11 5.82
CA LYS A 165 -5.22 -23.42 5.38
C LYS A 165 -6.35 -24.45 5.20
N SER B 15 15.15 -14.14 1.38
CA SER B 15 13.94 -13.27 1.51
C SER B 15 13.83 -12.72 2.94
N LYS B 16 14.87 -12.89 3.75
CA LYS B 16 15.10 -12.06 4.96
C LYS B 16 15.71 -10.73 4.52
N GLU B 17 16.64 -10.79 3.57
CA GLU B 17 17.10 -9.64 2.73
C GLU B 17 15.89 -8.91 2.15
N ASP B 18 14.97 -9.65 1.53
CA ASP B 18 13.78 -9.08 0.82
C ASP B 18 12.90 -8.33 1.83
N ASN B 19 12.57 -8.98 2.95
CA ASN B 19 11.65 -8.43 3.99
C ASN B 19 12.28 -7.18 4.61
N ASP B 20 13.60 -7.16 4.80
CA ASP B 20 14.33 -5.98 5.34
C ASP B 20 14.23 -4.82 4.33
N MET B 21 14.47 -5.08 3.05
CA MET B 21 14.41 -4.02 2.02
C MET B 21 12.96 -3.53 1.93
N ILE B 22 11.99 -4.45 2.01
CA ILE B 22 10.55 -4.08 1.93
C ILE B 22 10.25 -3.07 3.04
N ASN B 23 10.73 -3.35 4.26
CA ASN B 23 10.48 -2.50 5.46
C ASN B 23 11.17 -1.15 5.29
N LYS B 24 12.42 -1.14 4.84
CA LYS B 24 13.20 0.10 4.53
C LYS B 24 12.47 0.91 3.46
N LEU B 25 11.94 0.27 2.42
CA LEU B 25 11.15 0.98 1.38
C LEU B 25 9.92 1.61 2.06
N ASN B 26 9.14 0.80 2.78
CA ASN B 26 7.83 1.20 3.36
C ASN B 26 8.05 2.28 4.42
N LYS B 27 9.23 2.32 5.06
CA LYS B 27 9.54 3.31 6.11
C LYS B 27 9.55 4.71 5.49
N VAL B 28 9.98 4.84 4.24
CA VAL B 28 10.22 6.16 3.59
C VAL B 28 9.02 6.52 2.71
N PHE B 29 8.40 5.56 2.02
CA PHE B 29 7.24 5.81 1.12
C PHE B 29 6.14 6.53 1.91
N LYS B 30 5.43 7.45 1.26
CA LYS B 30 4.24 8.12 1.84
C LYS B 30 3.15 8.24 0.77
N ASN B 31 1.98 8.74 1.14
CA ASN B 31 0.88 9.04 0.17
C ASN B 31 0.63 7.79 -0.66
N LYS B 32 0.50 7.87 -1.99
CA LYS B 32 0.00 6.74 -2.80
C LYS B 32 1.10 5.69 -2.98
N LEU B 33 2.34 5.99 -2.58
CA LEU B 33 3.46 5.01 -2.56
C LEU B 33 3.39 4.14 -1.30
N SER B 34 2.58 4.53 -0.30
CA SER B 34 2.46 3.79 0.99
C SER B 34 2.18 2.31 0.72
N ASN B 35 3.02 1.46 1.32
CA ASN B 35 2.77 0.01 1.52
C ASN B 35 3.10 -0.76 0.24
N THR B 36 3.78 -0.13 -0.73
CA THR B 36 4.10 -0.73 -2.07
C THR B 36 5.50 -1.35 -2.08
N GLY B 37 6.15 -1.48 -0.91
CA GLY B 37 7.52 -2.02 -0.84
C GLY B 37 7.63 -3.40 -1.46
N ASN B 38 6.66 -4.28 -1.22
CA ASN B 38 6.74 -5.69 -1.69
C ASN B 38 6.65 -5.72 -3.22
N ILE B 39 5.99 -4.74 -3.83
CA ILE B 39 5.86 -4.64 -5.33
C ILE B 39 7.22 -4.24 -5.91
N PHE B 40 7.88 -3.24 -5.32
CA PHE B 40 9.21 -2.75 -5.76
C PHE B 40 10.20 -3.91 -5.71
N VAL B 41 10.17 -4.67 -4.61
CA VAL B 41 11.18 -5.72 -4.31
C VAL B 41 10.92 -6.93 -5.22
N LYS B 42 9.65 -7.28 -5.41
CA LYS B 42 9.22 -8.40 -6.32
C LYS B 42 9.79 -8.16 -7.73
N TYR B 43 9.53 -6.99 -8.32
CA TYR B 43 9.82 -6.73 -9.74
C TYR B 43 11.32 -6.38 -9.91
N SER B 44 11.91 -5.71 -8.93
CA SER B 44 13.36 -5.39 -8.91
C SER B 44 14.17 -6.69 -8.90
N ASN B 45 13.71 -7.72 -8.19
CA ASN B 45 14.33 -9.08 -8.21
C ASN B 45 14.20 -9.69 -9.61
N ALA B 46 13.00 -9.72 -10.19
CA ALA B 46 12.74 -10.37 -11.50
C ALA B 46 13.56 -9.68 -12.60
N TYR B 47 13.68 -8.35 -12.55
CA TYR B 47 14.30 -7.52 -13.62
C TYR B 47 15.77 -7.21 -13.31
N LYS B 48 16.25 -7.69 -12.16
CA LYS B 48 17.69 -7.72 -11.77
C LYS B 48 18.22 -6.29 -11.67
N VAL B 49 17.51 -5.43 -10.97
CA VAL B 49 17.95 -4.03 -10.67
C VAL B 49 17.78 -3.76 -9.17
N ASN B 50 18.42 -2.69 -8.71
CA ASN B 50 18.48 -2.24 -7.29
C ASN B 50 17.08 -1.76 -6.89
N ALA B 51 16.45 -2.42 -5.91
CA ALA B 51 15.09 -2.06 -5.42
C ALA B 51 15.11 -0.61 -4.89
N ALA B 52 16.11 -0.28 -4.06
CA ALA B 52 16.20 1.03 -3.37
C ALA B 52 16.36 2.16 -4.40
N LEU B 53 17.05 1.88 -5.50
CA LEU B 53 17.23 2.85 -6.62
C LEU B 53 15.88 3.06 -7.32
N MET B 54 15.17 1.97 -7.63
CA MET B 54 13.85 2.05 -8.28
C MET B 54 12.91 2.87 -7.41
N ALA B 55 13.00 2.68 -6.07
CA ALA B 55 12.15 3.37 -5.08
C ALA B 55 12.53 4.86 -5.02
N ALA B 56 13.83 5.15 -5.04
CA ALA B 56 14.38 6.53 -4.97
C ALA B 56 13.91 7.33 -6.19
N ILE B 57 13.98 6.73 -7.37
CA ILE B 57 13.59 7.38 -8.65
C ILE B 57 12.07 7.65 -8.61
N SER B 58 11.29 6.67 -8.15
CA SER B 58 9.82 6.80 -8.05
C SER B 58 9.45 7.96 -7.11
N ILE B 59 10.10 8.03 -5.93
CA ILE B 59 9.86 9.08 -4.91
C ILE B 59 10.12 10.44 -5.53
N HIS B 60 11.26 10.60 -6.24
CA HIS B 60 11.69 11.87 -6.86
C HIS B 60 10.67 12.26 -7.94
N GLU B 61 10.28 11.30 -8.78
CA GLU B 61 9.38 11.51 -9.94
C GLU B 61 7.96 11.84 -9.47
N THR B 62 7.52 11.42 -8.28
CA THR B 62 6.11 11.54 -7.83
C THR B 62 5.96 12.51 -6.64
N GLY B 63 7.05 13.14 -6.18
CA GLY B 63 7.05 13.91 -4.91
C GLY B 63 6.61 13.06 -3.73
N ASN B 64 7.16 11.84 -3.64
CA ASN B 64 6.78 10.80 -2.66
C ASN B 64 5.26 10.57 -2.68
N GLY B 65 4.75 10.14 -3.83
CA GLY B 65 3.37 9.61 -4.01
C GLY B 65 2.30 10.70 -3.90
N SER B 66 2.67 11.96 -4.11
CA SER B 66 1.71 13.10 -3.99
C SER B 66 1.31 13.63 -5.37
N SER B 67 2.06 13.35 -6.43
CA SER B 67 1.79 13.94 -7.78
C SER B 67 0.40 13.51 -8.27
N SER B 68 -0.29 14.41 -8.97
CA SER B 68 -1.60 14.14 -9.62
C SER B 68 -1.47 13.00 -10.64
N LEU B 69 -0.33 12.93 -11.36
CA LEU B 69 -0.06 11.90 -12.40
C LEU B 69 -0.06 10.52 -11.75
N CYS B 70 0.43 10.43 -10.52
CA CYS B 70 0.66 9.16 -9.80
C CYS B 70 -0.66 8.73 -9.12
N LYS B 71 -1.46 9.70 -8.66
CA LYS B 71 -2.78 9.46 -8.02
C LYS B 71 -3.82 9.05 -9.07
N ASN B 72 -3.76 9.62 -10.28
CA ASN B 72 -4.89 9.59 -11.26
C ASN B 72 -4.63 8.55 -12.35
N LYS B 73 -3.36 8.27 -12.63
CA LYS B 73 -2.94 7.47 -13.81
C LYS B 73 -2.03 6.29 -13.41
N ASN B 74 -1.84 6.07 -12.11
CA ASN B 74 -1.02 4.95 -11.56
C ASN B 74 0.37 4.95 -12.21
N ASN B 75 0.86 6.13 -12.56
CA ASN B 75 2.20 6.40 -13.18
C ASN B 75 3.15 6.89 -12.09
N PHE B 76 4.13 6.07 -11.73
CA PHE B 76 4.97 6.21 -10.52
C PHE B 76 6.38 6.66 -10.91
N PHE B 77 6.64 6.86 -12.20
CA PHE B 77 8.01 6.96 -12.75
C PHE B 77 8.13 8.09 -13.78
N GLY B 78 7.19 9.04 -13.79
CA GLY B 78 7.21 10.21 -14.69
C GLY B 78 7.26 9.82 -16.16
N MET B 79 6.67 8.68 -16.54
CA MET B 79 6.75 8.11 -17.91
C MET B 79 5.77 8.88 -18.81
N LYS B 80 6.29 9.86 -19.55
CA LYS B 80 5.51 10.99 -20.15
C LYS B 80 4.32 10.43 -20.93
N GLY B 81 3.11 10.90 -20.59
CA GLY B 81 1.88 10.68 -21.38
C GLY B 81 1.27 9.31 -21.13
N MET B 82 1.86 8.51 -20.25
CA MET B 82 1.42 7.09 -20.05
C MET B 82 0.50 7.01 -18.83
N SER B 83 -0.26 5.93 -18.75
CA SER B 83 -1.32 5.71 -17.75
C SER B 83 -1.54 4.20 -17.63
N PHE B 84 -1.61 3.67 -16.42
CA PHE B 84 -1.61 2.21 -16.17
C PHE B 84 -2.87 1.82 -15.38
N GLY B 85 -3.33 0.59 -15.57
CA GLY B 85 -4.61 0.09 -15.05
C GLY B 85 -4.56 -0.13 -13.56
N SER B 86 -3.37 -0.32 -12.98
CA SER B 86 -3.22 -0.66 -11.55
C SER B 86 -1.92 -0.07 -11.00
N VAL B 87 -1.82 0.06 -9.67
CA VAL B 87 -0.57 0.48 -9.00
C VAL B 87 0.51 -0.57 -9.28
N ASP B 88 0.17 -1.86 -9.22
CA ASP B 88 1.13 -2.96 -9.49
C ASP B 88 1.74 -2.76 -10.88
N GLU B 89 0.92 -2.61 -11.91
CA GLU B 89 1.36 -2.56 -13.33
C GLU B 89 2.17 -1.29 -13.55
N GLY B 90 1.76 -0.16 -12.96
CA GLY B 90 2.49 1.12 -13.10
C GLY B 90 3.91 1.02 -12.57
N ILE B 91 4.08 0.44 -11.39
CA ILE B 91 5.39 0.22 -10.73
C ILE B 91 6.19 -0.79 -11.56
N LYS B 92 5.57 -1.88 -11.97
CA LYS B 92 6.19 -2.89 -12.86
C LYS B 92 6.73 -2.21 -14.13
N ARG B 93 5.89 -1.43 -14.82
CA ARG B 93 6.23 -0.89 -16.16
C ARG B 93 7.39 0.09 -16.03
N GLY B 94 7.47 0.83 -14.91
CA GLY B 94 8.58 1.76 -14.62
C GLY B 94 9.89 1.01 -14.42
N ILE B 95 9.84 -0.08 -13.67
CA ILE B 95 11.05 -0.90 -13.34
C ILE B 95 11.49 -1.65 -14.60
N SER B 96 10.55 -2.19 -15.37
CA SER B 96 10.82 -2.90 -16.64
C SER B 96 11.57 -1.96 -17.60
N ASN B 97 11.15 -0.69 -17.65
CA ASN B 97 11.73 0.36 -18.52
C ASN B 97 13.17 0.66 -18.07
N LEU B 98 13.39 0.82 -16.77
CA LEU B 98 14.73 1.15 -16.19
C LEU B 98 15.67 -0.06 -16.31
N SER B 99 15.16 -1.28 -16.17
CA SER B 99 15.94 -2.52 -16.34
C SER B 99 16.38 -2.68 -17.80
N ARG B 100 15.40 -2.65 -18.72
CA ARG B 100 15.60 -2.99 -20.15
C ARG B 100 16.31 -1.86 -20.88
N ASN B 101 15.91 -0.60 -20.65
CA ASN B 101 16.23 0.54 -21.55
C ASN B 101 17.34 1.42 -20.93
N TYR B 102 17.79 1.11 -19.70
CA TYR B 102 18.82 1.89 -18.98
C TYR B 102 19.90 0.94 -18.44
N ILE B 103 19.60 0.22 -17.37
CA ILE B 103 20.62 -0.51 -16.57
C ILE B 103 21.22 -1.66 -17.41
N HIS B 104 20.39 -2.35 -18.19
CA HIS B 104 20.85 -3.50 -19.02
C HIS B 104 21.69 -2.98 -20.20
N THR B 105 21.46 -1.74 -20.65
CA THR B 105 22.22 -1.13 -21.77
C THR B 105 23.58 -0.64 -21.25
N GLY B 106 23.71 -0.46 -19.92
CA GLY B 106 24.99 -0.10 -19.29
C GLY B 106 24.91 1.23 -18.57
N ARG B 107 23.73 1.80 -18.41
CA ARG B 107 23.53 3.03 -17.59
C ARG B 107 23.42 2.65 -16.11
N LYS B 108 24.56 2.61 -15.39
CA LYS B 108 24.69 2.15 -13.98
C LYS B 108 24.79 3.36 -13.03
N THR B 109 25.43 4.46 -13.46
CA THR B 109 25.62 5.67 -12.61
C THR B 109 24.32 6.47 -12.63
N LEU B 110 24.14 7.32 -11.62
CA LEU B 110 23.00 8.27 -11.55
C LEU B 110 23.12 9.27 -12.72
N GLU B 111 24.36 9.64 -13.07
CA GLU B 111 24.65 10.62 -14.16
C GLU B 111 24.25 10.04 -15.52
N SER B 112 24.63 8.80 -15.84
CA SER B 112 24.36 8.18 -17.17
C SER B 112 22.88 7.79 -17.26
N ILE B 113 22.23 7.47 -16.14
CA ILE B 113 20.75 7.26 -16.14
C ILE B 113 20.08 8.60 -16.41
N ARG B 114 20.46 9.66 -15.67
CA ARG B 114 19.88 11.02 -15.81
C ARG B 114 19.99 11.48 -17.27
N ASP B 115 21.18 11.35 -17.87
CA ASP B 115 21.48 11.84 -19.24
C ASP B 115 20.35 11.40 -20.18
N LYS B 116 19.80 10.19 -20.01
CA LYS B 116 18.70 9.70 -20.88
C LYS B 116 17.34 9.96 -20.21
N TYR B 117 17.23 9.80 -18.89
CA TYR B 117 15.93 9.82 -18.17
C TYR B 117 15.41 11.26 -18.08
N ALA B 118 16.32 12.23 -17.90
CA ALA B 118 16.01 13.63 -17.53
C ALA B 118 17.16 14.54 -17.94
N PRO B 119 17.35 14.77 -19.27
CA PRO B 119 18.55 15.43 -19.78
C PRO B 119 18.56 16.90 -19.36
N LEU B 120 19.71 17.40 -18.93
CA LEU B 120 19.88 18.81 -18.43
C LEU B 120 19.24 19.79 -19.43
N TYR B 121 19.47 19.61 -20.73
CA TYR B 121 19.08 20.58 -21.79
C TYR B 121 17.55 20.76 -21.78
N ASP B 122 16.80 19.70 -21.49
CA ASP B 122 15.33 19.61 -21.78
C ASP B 122 14.55 20.48 -20.78
N SER B 123 15.04 20.61 -19.54
CA SER B 123 14.37 21.39 -18.47
C SER B 123 15.36 21.71 -17.34
N PRO B 124 15.32 22.95 -16.80
CA PRO B 124 16.21 23.35 -15.70
C PRO B 124 15.90 22.64 -14.38
N LEU B 125 14.74 21.98 -14.30
CA LEU B 125 14.33 21.10 -13.17
C LEU B 125 15.23 19.86 -13.11
N ASN B 126 15.82 19.47 -14.24
CA ASN B 126 16.47 18.15 -14.42
C ASN B 126 17.82 18.14 -13.71
N LYS B 127 18.33 19.32 -13.31
CA LYS B 127 19.59 19.39 -12.52
C LYS B 127 19.31 18.99 -11.07
N ASP B 128 18.03 18.74 -10.74
CA ASP B 128 17.57 18.30 -9.40
C ASP B 128 17.53 16.77 -9.31
N TRP B 129 17.64 16.09 -10.45
CA TRP B 129 17.39 14.62 -10.57
C TRP B 129 18.46 13.83 -9.81
N VAL B 130 19.75 14.01 -10.15
CA VAL B 130 20.85 13.21 -9.52
C VAL B 130 20.89 13.49 -8.02
N PRO B 131 20.81 14.76 -7.56
CA PRO B 131 20.83 15.06 -6.13
C PRO B 131 19.58 14.53 -5.40
N GLY B 132 18.40 14.65 -6.03
CA GLY B 132 17.13 14.17 -5.45
C GLY B 132 17.15 12.66 -5.31
N VAL B 133 17.39 11.96 -6.41
CA VAL B 133 17.44 10.47 -6.43
C VAL B 133 18.53 10.00 -5.46
N GLY B 134 19.71 10.62 -5.48
CA GLY B 134 20.81 10.32 -4.54
C GLY B 134 20.35 10.47 -3.10
N LYS B 135 19.71 11.58 -2.77
CA LYS B 135 19.25 11.88 -1.38
C LYS B 135 18.29 10.78 -0.91
N PHE B 136 17.30 10.42 -1.73
CA PHE B 136 16.24 9.45 -1.34
C PHE B 136 16.86 8.06 -1.21
N TYR B 137 17.87 7.73 -2.03
CA TYR B 137 18.55 6.40 -1.98
C TYR B 137 19.27 6.25 -0.64
N LYS B 138 19.94 7.31 -0.19
CA LYS B 138 20.67 7.32 1.10
C LYS B 138 19.66 7.31 2.25
N GLN B 139 18.50 7.94 2.06
CA GLN B 139 17.47 8.03 3.13
C GLN B 139 16.90 6.64 3.37
N ILE B 140 16.89 5.79 2.33
CA ILE B 140 16.30 4.42 2.38
C ILE B 140 17.31 3.44 2.96
N THR B 141 18.56 3.47 2.47
CA THR B 141 19.58 2.41 2.72
C THR B 141 20.50 2.83 3.88
N GLY B 142 20.63 4.14 4.14
CA GLY B 142 21.63 4.72 5.05
C GLY B 142 22.95 5.06 4.37
N ASN B 143 23.10 4.72 3.07
CA ASN B 143 24.40 4.81 2.34
C ASN B 143 24.22 5.55 1.01
N ALA B 144 25.27 6.27 0.58
CA ALA B 144 25.39 6.88 -0.75
C ALA B 144 25.31 5.79 -1.83
N TYR B 145 24.61 6.07 -2.93
CA TYR B 145 24.45 5.14 -4.07
C TYR B 145 25.84 4.83 -4.65
N SER B 146 26.16 3.55 -4.86
CA SER B 146 27.29 3.11 -5.71
C SER B 146 26.73 2.50 -6.99
N SER B 147 27.27 2.90 -8.15
CA SER B 147 26.87 2.35 -9.47
C SER B 147 27.05 0.81 -9.47
N ASN B 148 27.99 0.31 -8.66
CA ASN B 148 28.26 -1.15 -8.53
C ASN B 148 26.98 -1.91 -8.20
N SER B 149 25.99 -1.25 -7.59
CA SER B 149 24.77 -1.86 -6.99
C SER B 149 23.63 -1.90 -8.01
N ALA B 150 23.82 -1.29 -9.19
CA ALA B 150 22.71 -0.98 -10.13
C ALA B 150 21.96 -2.27 -10.47
N GLY B 151 22.68 -3.39 -10.56
CA GLY B 151 22.18 -4.69 -11.06
C GLY B 151 22.58 -4.91 -12.51
N THR B 152 22.37 -6.13 -13.03
CA THR B 152 22.71 -6.47 -14.44
C THR B 152 21.60 -5.93 -15.35
N GLY B 153 20.37 -5.82 -14.83
CA GLY B 153 19.16 -5.67 -15.64
C GLY B 153 18.85 -6.93 -16.42
N VAL B 154 17.84 -6.88 -17.27
CA VAL B 154 17.48 -7.97 -18.23
C VAL B 154 17.13 -7.35 -19.57
N GLY B 155 17.21 -8.15 -20.63
CA GLY B 155 16.99 -7.76 -22.04
C GLY B 155 15.52 -7.66 -22.40
N SER B 156 14.63 -8.35 -21.68
CA SER B 156 13.22 -8.56 -22.10
C SER B 156 12.33 -8.81 -20.88
N ASN B 157 11.02 -8.64 -21.06
CA ASN B 157 9.98 -9.08 -20.10
C ASN B 157 10.00 -10.61 -20.03
N GLU B 158 10.31 -11.25 -21.13
CA GLU B 158 10.35 -12.74 -21.26
C GLU B 158 11.38 -13.31 -20.27
N GLU B 159 12.56 -12.69 -20.23
CA GLU B 159 13.71 -13.10 -19.38
C GLU B 159 13.35 -12.88 -17.91
N ALA B 160 12.65 -11.78 -17.59
CA ALA B 160 12.22 -11.44 -16.21
C ALA B 160 11.14 -12.44 -15.74
N GLU B 161 10.26 -12.88 -16.65
CA GLU B 161 9.18 -13.84 -16.32
C GLU B 161 9.79 -15.21 -15.99
N LYS B 162 10.90 -15.54 -16.65
CA LYS B 162 11.67 -16.79 -16.42
C LYS B 162 12.30 -16.74 -15.02
N ASN B 163 12.71 -15.54 -14.60
CA ASN B 163 13.33 -15.30 -13.26
C ASN B 163 12.29 -15.51 -12.15
N LEU B 164 11.04 -15.07 -12.35
CA LEU B 164 9.92 -15.35 -11.42
C LEU B 164 9.74 -16.87 -11.28
N LYS B 165 9.92 -17.62 -12.37
CA LYS B 165 10.00 -19.10 -12.38
C LYS B 165 11.46 -19.55 -12.33
#